data_4RGH
#
_entry.id   4RGH
#
_cell.length_a   66.870
_cell.length_b   86.400
_cell.length_c   52.120
_cell.angle_alpha   90.000
_cell.angle_beta   90.000
_cell.angle_gamma   90.000
#
_symmetry.space_group_name_H-M   'P 21 21 2'
#
loop_
_entity.id
_entity.type
_entity.pdbx_description
1 polymer 'Protein DDI1 homolog 2'
2 non-polymer 'CHLORIDE ION'
3 water water
#
_entity_poly.entity_id   1
_entity_poly.type   'polypeptide(L)'
_entity_poly.pdbx_seq_one_letter_code
;HHHHHHHHHHSSGHIEGRHMQQNIEENMTIAMEEAPESFGQVVMLYINCKVNGHPVKAFVDSGAQMTIMSQACAERCNIM
RLVDRRWAGIAKGVGTQKIIGRVHLAQVQIEGDFLPCSFSILEEQPMDMLLGLDMLKRHQCSIDLKKNVLVIGTTGSQTT
FLPEGELPE
;
_entity_poly.pdbx_strand_id   A,B
#
loop_
_chem_comp.id
_chem_comp.type
_chem_comp.name
_chem_comp.formula
CL non-polymer 'CHLORIDE ION' 'Cl -1'
#
# COMPACT_ATOMS: atom_id res chain seq x y z
N GLN A 41 -11.29 -13.20 0.08
CA GLN A 41 -10.12 -14.13 0.13
C GLN A 41 -9.01 -13.61 -0.78
N VAL A 42 -8.62 -12.35 -0.59
CA VAL A 42 -7.48 -11.80 -1.34
C VAL A 42 -6.20 -11.95 -0.48
N VAL A 43 -5.15 -12.53 -1.05
CA VAL A 43 -3.87 -12.75 -0.35
C VAL A 43 -3.07 -11.43 -0.28
N MET A 44 -2.68 -11.03 0.93
CA MET A 44 -1.91 -9.81 1.07
C MET A 44 -0.49 -10.00 0.53
N LEU A 45 0.19 -8.89 0.26
CA LEU A 45 1.54 -8.91 -0.34
C LEU A 45 2.67 -9.04 0.68
N TYR A 46 3.44 -10.12 0.56
CA TYR A 46 4.63 -10.36 1.38
C TYR A 46 5.77 -10.69 0.45
N ILE A 47 6.96 -10.35 0.88
CA ILE A 47 8.17 -10.83 0.24
C ILE A 47 9.11 -11.39 1.29
N ASN A 48 10.01 -12.25 0.85
CA ASN A 48 11.17 -12.62 1.62
C ASN A 48 12.28 -11.58 1.45
N CYS A 49 12.91 -11.25 2.56
CA CYS A 49 14.11 -10.45 2.58
C CYS A 49 14.93 -10.92 3.78
N LYS A 50 16.11 -10.34 3.93
CA LYS A 50 16.99 -10.60 5.05
C LYS A 50 17.53 -9.29 5.61
N VAL A 51 17.69 -9.26 6.92
CA VAL A 51 18.36 -8.15 7.56
C VAL A 51 19.51 -8.73 8.35
N ASN A 52 20.75 -8.33 8.02
CA ASN A 52 21.89 -8.82 8.80
C ASN A 52 21.97 -10.34 8.69
N GLY A 53 21.55 -10.88 7.54
CA GLY A 53 21.51 -12.33 7.28
C GLY A 53 20.30 -13.11 7.84
N HIS A 54 19.41 -12.42 8.54
CA HIS A 54 18.29 -13.06 9.24
C HIS A 54 17.03 -12.97 8.39
N PRO A 55 16.29 -14.07 8.22
CA PRO A 55 15.17 -14.01 7.25
C PRO A 55 14.04 -13.21 7.80
N VAL A 56 13.43 -12.41 6.94
CA VAL A 56 12.31 -11.52 7.32
C VAL A 56 11.23 -11.65 6.24
N LYS A 57 9.97 -11.78 6.69
CA LYS A 57 8.83 -11.65 5.79
C LYS A 57 8.24 -10.23 5.92
N ALA A 58 8.31 -9.44 4.85
CA ALA A 58 7.93 -8.01 4.86
C ALA A 58 6.58 -7.89 4.16
N PHE A 59 5.65 -7.24 4.84
CA PHE A 59 4.30 -6.88 4.36
C PHE A 59 4.47 -5.65 3.47
N VAL A 60 3.97 -5.70 2.22
CA VAL A 60 4.17 -4.63 1.21
C VAL A 60 2.91 -3.74 1.17
N ASP A 61 3.05 -2.53 1.72
CA ASP A 61 1.95 -1.63 1.99
C ASP A 61 2.23 -0.22 1.42
N SER A 62 1.73 -0.01 0.22
CA SER A 62 1.80 1.27 -0.46
C SER A 62 0.97 2.36 0.23
N GLY A 63 0.00 2.01 1.08
CA GLY A 63 -0.69 3.02 1.85
C GLY A 63 -0.08 3.42 3.18
N ALA A 64 1.02 2.78 3.58
CA ALA A 64 1.72 3.10 4.82
C ALA A 64 2.80 4.12 4.46
N GLN A 65 2.87 5.18 5.24
CA GLN A 65 3.79 6.23 5.01
C GLN A 65 5.22 5.84 5.42
N MET A 66 5.34 5.10 6.52
CA MET A 66 6.63 4.75 7.12
CA MET A 66 6.64 4.75 6.99
C MET A 66 6.83 3.23 7.09
N THR A 67 8.07 2.83 6.83
CA THR A 67 8.48 1.46 7.00
C THR A 67 8.73 1.28 8.50
N ILE A 68 8.30 0.11 9.01
CA ILE A 68 8.30 -0.20 10.41
C ILE A 68 8.76 -1.59 10.63
N MET A 69 9.72 -1.76 11.54
CA MET A 69 10.09 -3.09 12.05
C MET A 69 9.66 -3.29 13.50
N SER A 70 9.21 -4.50 13.87
CA SER A 70 8.86 -4.78 15.24
C SER A 70 10.13 -4.84 16.10
N GLN A 71 10.02 -4.45 17.38
CA GLN A 71 11.16 -4.59 18.28
C GLN A 71 11.67 -6.04 18.31
N ALA A 72 10.76 -7.02 18.41
CA ALA A 72 11.07 -8.44 18.37
C ALA A 72 11.95 -8.80 17.18
N CYS A 73 11.69 -8.18 16.02
CA CYS A 73 12.43 -8.50 14.81
C CYS A 73 13.77 -7.79 14.83
N ALA A 74 13.82 -6.56 15.35
CA ALA A 74 15.07 -5.79 15.46
C ALA A 74 16.03 -6.55 16.40
N GLU A 75 15.48 -7.06 17.50
CA GLU A 75 16.23 -7.90 18.43
C GLU A 75 16.72 -9.19 17.78
N ARG A 76 15.83 -9.85 17.05
CA ARG A 76 16.19 -11.12 16.39
C ARG A 76 17.25 -10.92 15.32
N CYS A 77 17.14 -9.83 14.58
CA CYS A 77 18.15 -9.49 13.57
C CYS A 77 19.42 -8.87 14.16
N ASN A 78 19.47 -8.75 15.49
CA ASN A 78 20.64 -8.18 16.17
CA ASN A 78 20.62 -8.18 16.19
C ASN A 78 20.97 -6.75 15.71
N ILE A 79 19.95 -5.90 15.52
CA ILE A 79 20.20 -4.52 15.11
C ILE A 79 19.72 -3.48 16.13
N MET A 80 19.52 -3.86 17.39
CA MET A 80 19.12 -2.87 18.42
C MET A 80 20.16 -1.77 18.58
N ARG A 81 21.43 -2.13 18.37
CA ARG A 81 22.52 -1.18 18.36
C ARG A 81 22.36 -0.06 17.32
N LEU A 82 21.56 -0.28 16.27
CA LEU A 82 21.25 0.74 15.27
C LEU A 82 20.02 1.61 15.63
N VAL A 83 19.30 1.26 16.69
CA VAL A 83 18.05 1.93 17.01
C VAL A 83 18.36 3.20 17.81
N ASP A 84 18.20 4.35 17.17
CA ASP A 84 18.31 5.68 17.79
C ASP A 84 17.08 5.99 18.61
N ARG A 85 17.23 5.86 19.90
CA ARG A 85 16.12 5.99 20.82
C ARG A 85 15.74 7.44 21.07
N ARG A 86 16.48 8.36 20.47
CA ARG A 86 16.09 9.76 20.53
C ARG A 86 14.83 10.01 19.70
N TRP A 87 14.52 9.09 18.77
CA TRP A 87 13.26 9.15 18.02
C TRP A 87 12.14 8.41 18.70
N ALA A 88 12.28 8.08 20.00
CA ALA A 88 11.18 7.39 20.74
C ALA A 88 9.92 8.27 20.60
N GLY A 89 8.81 7.68 20.22
CA GLY A 89 7.55 8.41 20.20
C GLY A 89 7.28 9.24 18.96
N ILE A 90 8.10 9.14 17.92
CA ILE A 90 7.85 9.87 16.69
C ILE A 90 7.21 8.94 15.71
N ALA A 91 5.97 9.26 15.34
CA ALA A 91 5.18 8.42 14.47
C ALA A 91 4.38 9.32 13.55
N LYS A 92 4.28 8.93 12.29
CA LYS A 92 3.46 9.68 11.33
C LYS A 92 2.04 9.21 11.32
N GLY A 93 1.83 7.94 11.58
CA GLY A 93 0.51 7.34 11.51
C GLY A 93 -0.03 6.96 12.88
N VAL A 94 -1.36 6.98 13.00
CA VAL A 94 -2.03 6.48 14.20
C VAL A 94 -1.68 5.04 14.39
N GLY A 95 -1.71 4.58 15.64
CA GLY A 95 -1.55 3.17 15.97
C GLY A 95 -1.85 2.86 17.43
N THR A 96 -1.45 1.68 17.84
CA THR A 96 -1.73 1.21 19.14
C THR A 96 -0.44 0.84 19.89
N GLN A 97 0.74 1.27 19.42
CA GLN A 97 1.98 0.88 20.12
C GLN A 97 2.95 2.03 20.03
N LYS A 98 3.89 2.09 20.97
CA LYS A 98 4.89 3.12 20.98
C LYS A 98 5.98 2.84 19.98
N ILE A 99 6.47 3.91 19.36
CA ILE A 99 7.72 3.91 18.61
C ILE A 99 8.92 3.98 19.59
N ILE A 100 9.82 3.02 19.47
CA ILE A 100 11.02 2.84 20.32
C ILE A 100 12.20 3.68 19.82
N GLY A 101 12.20 3.96 18.53
CA GLY A 101 13.35 4.58 17.93
C GLY A 101 13.37 4.42 16.45
N ARG A 102 14.50 4.80 15.88
CA ARG A 102 14.60 4.98 14.44
C ARG A 102 15.92 4.40 13.99
N VAL A 103 15.86 3.55 12.96
CA VAL A 103 17.02 3.00 12.36
C VAL A 103 17.22 3.90 11.16
N HIS A 104 18.32 4.64 11.17
CA HIS A 104 18.62 5.55 10.07
C HIS A 104 19.13 4.89 8.85
N LEU A 105 19.86 3.81 9.07
CA LEU A 105 20.40 3.01 7.97
C LEU A 105 20.59 1.56 8.36
N ALA A 106 19.85 0.67 7.71
CA ALA A 106 20.21 -0.75 7.70
C ALA A 106 19.96 -1.29 6.30
N GLN A 107 20.80 -2.24 5.87
CA GLN A 107 20.66 -2.88 4.58
C GLN A 107 19.61 -3.98 4.68
N VAL A 108 18.64 -3.91 3.79
CA VAL A 108 17.58 -4.91 3.63
C VAL A 108 17.95 -5.62 2.34
N GLN A 109 18.26 -6.89 2.52
CA GLN A 109 18.56 -7.78 1.44
C GLN A 109 17.33 -8.38 0.78
N ILE A 110 17.23 -8.17 -0.53
CA ILE A 110 16.17 -8.76 -1.38
C ILE A 110 16.88 -9.42 -2.54
N GLU A 111 16.72 -10.74 -2.66
CA GLU A 111 17.45 -11.57 -3.61
C GLU A 111 18.98 -11.25 -3.42
N GLY A 112 19.67 -10.89 -4.48
CA GLY A 112 21.06 -10.50 -4.38
C GLY A 112 21.31 -9.06 -3.96
N ASP A 113 20.25 -8.24 -3.85
CA ASP A 113 20.36 -6.80 -3.68
C ASP A 113 20.45 -6.48 -2.16
N PHE A 114 21.32 -5.55 -1.79
CA PHE A 114 21.30 -4.98 -0.45
C PHE A 114 20.80 -3.53 -0.59
N LEU A 115 19.60 -3.26 -0.08
CA LEU A 115 18.99 -1.98 -0.26
C LEU A 115 19.14 -1.10 1.03
N PRO A 116 19.82 0.05 0.94
CA PRO A 116 19.89 0.88 2.18
C PRO A 116 18.54 1.48 2.51
N CYS A 117 18.04 1.19 3.73
CA CYS A 117 16.73 1.59 4.18
C CYS A 117 16.72 2.32 5.53
N SER A 118 15.73 3.17 5.72
CA SER A 118 15.45 3.81 7.02
C SER A 118 14.09 3.34 7.48
N PHE A 119 13.95 3.11 8.79
CA PHE A 119 12.71 2.62 9.35
C PHE A 119 12.67 2.79 10.87
N SER A 120 11.46 2.82 11.37
CA SER A 120 11.20 2.99 12.80
C SER A 120 10.82 1.65 13.40
N ILE A 121 10.94 1.53 14.71
CA ILE A 121 10.71 0.33 15.44
C ILE A 121 9.49 0.55 16.30
N LEU A 122 8.52 -0.34 16.14
CA LEU A 122 7.36 -0.35 16.97
C LEU A 122 7.52 -1.39 18.04
N GLU A 123 7.04 -1.11 19.24
CA GLU A 123 7.20 -2.06 20.36
C GLU A 123 6.61 -3.40 20.01
N GLU A 124 5.42 -3.39 19.37
CA GLU A 124 4.81 -4.61 18.84
C GLU A 124 4.19 -4.32 17.51
N GLN A 125 4.20 -5.31 16.63
CA GLN A 125 3.58 -5.21 15.34
C GLN A 125 3.14 -6.64 14.93
N PRO A 126 1.97 -6.80 14.29
CA PRO A 126 1.56 -8.15 13.83
C PRO A 126 2.61 -8.84 12.94
N MET A 127 3.16 -8.12 11.99
CA MET A 127 4.18 -8.67 11.13
C MET A 127 5.57 -8.13 11.55
N ASP A 128 6.61 -8.87 11.22
CA ASP A 128 7.98 -8.49 11.64
C ASP A 128 8.35 -7.15 11.01
N MET A 129 7.96 -7.00 9.75
CA MET A 129 8.36 -5.86 8.94
CA MET A 129 8.35 -5.86 8.95
C MET A 129 7.22 -5.40 8.00
N LEU A 130 6.95 -4.08 8.01
CA LEU A 130 5.99 -3.44 7.13
C LEU A 130 6.83 -2.53 6.20
N LEU A 131 6.86 -2.89 4.92
CA LEU A 131 7.55 -2.13 3.89
C LEU A 131 6.61 -1.06 3.32
N GLY A 132 6.83 0.21 3.65
CA GLY A 132 5.89 1.24 3.26
C GLY A 132 6.37 2.12 2.15
N LEU A 133 5.57 3.12 1.80
CA LEU A 133 5.81 3.85 0.58
C LEU A 133 7.16 4.59 0.57
N ASP A 134 7.61 5.04 1.74
CA ASP A 134 8.92 5.66 1.88
C ASP A 134 10.01 4.83 1.21
N MET A 135 10.07 3.53 1.54
CA MET A 135 11.15 2.69 1.02
C MET A 135 10.81 2.16 -0.37
N LEU A 136 9.54 1.85 -0.59
CA LEU A 136 9.11 1.53 -1.98
C LEU A 136 9.50 2.64 -2.98
N LYS A 137 9.24 3.88 -2.61
CA LYS A 137 9.70 5.04 -3.43
C LYS A 137 11.21 5.27 -3.43
N ARG A 138 11.87 5.09 -2.28
CA ARG A 138 13.35 5.21 -2.24
C ARG A 138 14.03 4.34 -3.30
N HIS A 139 13.53 3.11 -3.47
CA HIS A 139 14.18 2.18 -4.39
C HIS A 139 13.47 2.04 -5.67
N GLN A 140 12.53 2.97 -5.90
CA GLN A 140 11.82 3.09 -7.15
C GLN A 140 11.17 1.77 -7.51
N CYS A 141 10.39 1.21 -6.59
CA CYS A 141 9.97 -0.18 -6.79
C CYS A 141 8.73 -0.24 -7.66
N SER A 142 8.43 -1.44 -8.22
CA SER A 142 7.17 -1.70 -8.93
CA SER A 142 7.16 -1.66 -8.89
C SER A 142 6.46 -2.82 -8.23
N ILE A 143 5.23 -2.58 -7.79
CA ILE A 143 4.40 -3.67 -7.21
C ILE A 143 3.60 -4.21 -8.41
N ASP A 144 4.06 -5.31 -8.98
CA ASP A 144 3.46 -5.81 -10.24
C ASP A 144 2.54 -6.98 -9.95
N LEU A 145 1.24 -6.71 -9.92
CA LEU A 145 0.28 -7.72 -9.53
C LEU A 145 -0.06 -8.65 -10.69
N LYS A 146 0.32 -8.32 -11.92
CA LYS A 146 0.14 -9.25 -13.02
C LYS A 146 1.17 -10.41 -12.95
N LYS A 147 2.45 -10.08 -12.77
CA LYS A 147 3.49 -11.09 -12.59
C LYS A 147 3.56 -11.60 -11.14
N ASN A 148 2.94 -10.88 -10.22
CA ASN A 148 3.03 -11.21 -8.79
C ASN A 148 4.48 -11.12 -8.36
N VAL A 149 5.12 -10.00 -8.68
CA VAL A 149 6.49 -9.73 -8.23
C VAL A 149 6.64 -8.28 -7.76
N LEU A 150 7.55 -8.09 -6.82
CA LEU A 150 8.06 -6.76 -6.51
C LEU A 150 9.35 -6.55 -7.28
N VAL A 151 9.37 -5.50 -8.08
CA VAL A 151 10.57 -5.10 -8.81
C VAL A 151 11.30 -4.00 -8.07
N ILE A 152 12.61 -4.14 -7.98
CA ILE A 152 13.47 -3.14 -7.36
C ILE A 152 13.95 -2.26 -8.53
N GLY A 153 13.58 -0.99 -8.49
CA GLY A 153 13.75 -0.10 -9.64
C GLY A 153 15.16 0.15 -10.03
N THR A 154 15.97 0.29 -9.00
CA THR A 154 17.40 0.46 -9.14
C THR A 154 18.03 -0.50 -10.12
N THR A 155 17.74 -1.77 -9.87
CA THR A 155 18.47 -2.88 -10.42
C THR A 155 17.60 -3.78 -11.34
N GLY A 156 16.28 -3.66 -11.27
CA GLY A 156 15.42 -4.55 -12.06
C GLY A 156 15.37 -5.94 -11.47
N SER A 157 16.07 -6.16 -10.36
CA SER A 157 15.91 -7.39 -9.61
C SER A 157 14.43 -7.51 -9.21
N GLN A 158 13.96 -8.75 -9.08
CA GLN A 158 12.57 -9.06 -8.84
C GLN A 158 12.50 -10.12 -7.78
N THR A 159 11.48 -10.06 -6.94
CA THR A 159 11.27 -11.07 -5.95
C THR A 159 9.79 -11.36 -5.96
N THR A 160 9.45 -12.62 -5.83
CA THR A 160 8.08 -13.01 -5.94
C THR A 160 7.31 -12.75 -4.66
N PHE A 161 6.07 -12.34 -4.80
CA PHE A 161 5.19 -12.31 -3.65
C PHE A 161 4.96 -13.75 -3.18
N LEU A 162 4.77 -13.87 -1.89
CA LEU A 162 4.61 -15.13 -1.21
C LEU A 162 3.23 -15.77 -1.41
N PRO A 163 3.18 -17.08 -1.71
CA PRO A 163 1.86 -17.71 -1.69
C PRO A 163 1.27 -17.75 -0.28
N GLU A 164 -0.03 -17.91 -0.20
CA GLU A 164 -0.78 -18.00 1.06
C GLU A 164 -0.16 -19.01 2.06
N GLY A 165 0.33 -20.16 1.60
CA GLY A 165 0.93 -21.14 2.50
C GLY A 165 2.22 -20.71 3.22
N GLU A 166 2.88 -19.68 2.68
CA GLU A 166 4.14 -19.14 3.22
C GLU A 166 4.01 -17.83 3.99
N LEU A 167 2.79 -17.29 4.07
CA LEU A 167 2.49 -16.10 4.87
C LEU A 167 2.66 -16.40 6.37
N PRO A 168 3.23 -15.45 7.13
CA PRO A 168 3.51 -15.69 8.56
C PRO A 168 2.31 -16.25 9.33
N GLY B 40 12.40 12.91 3.83
CA GLY B 40 11.58 12.70 5.07
C GLY B 40 10.16 13.27 5.00
N GLN B 41 9.49 13.14 3.84
CA GLN B 41 8.13 13.68 3.64
C GLN B 41 7.50 13.04 2.38
N VAL B 42 6.85 11.90 2.55
CA VAL B 42 6.50 11.03 1.42
C VAL B 42 5.10 11.34 0.86
N VAL B 43 5.01 11.58 -0.46
CA VAL B 43 3.73 11.91 -1.09
C VAL B 43 2.97 10.61 -1.29
N MET B 44 1.79 10.48 -0.72
CA MET B 44 1.00 9.23 -0.86
C MET B 44 0.47 9.10 -2.28
N LEU B 45 0.13 7.88 -2.67
CA LEU B 45 -0.26 7.57 -4.03
C LEU B 45 -1.79 7.83 -4.23
N TYR B 46 -2.09 8.78 -5.10
CA TYR B 46 -3.46 9.03 -5.61
C TYR B 46 -3.45 8.96 -7.10
N ILE B 47 -4.61 8.60 -7.65
CA ILE B 47 -4.87 8.67 -9.10
C ILE B 47 -6.20 9.40 -9.30
N ASN B 48 -6.33 10.07 -10.44
CA ASN B 48 -7.63 10.49 -10.92
C ASN B 48 -8.41 9.31 -11.47
N CYS B 49 -9.65 9.22 -11.08
CA CYS B 49 -10.56 8.33 -11.75
C CYS B 49 -11.90 9.01 -11.83
N LYS B 50 -12.86 8.33 -12.45
CA LYS B 50 -14.20 8.88 -12.54
C LYS B 50 -15.18 7.75 -12.22
N VAL B 51 -16.22 8.10 -11.49
CA VAL B 51 -17.29 7.15 -11.20
C VAL B 51 -18.58 7.78 -11.70
N ASN B 52 -19.21 7.14 -12.70
CA ASN B 52 -20.51 7.64 -13.28
C ASN B 52 -20.32 9.10 -13.77
N GLY B 53 -19.14 9.40 -14.32
CA GLY B 53 -18.82 10.73 -14.83
C GLY B 53 -18.26 11.74 -13.82
N HIS B 54 -18.31 11.42 -12.52
CA HIS B 54 -17.85 12.31 -11.41
C HIS B 54 -16.39 12.05 -11.08
N PRO B 55 -15.55 13.12 -11.04
CA PRO B 55 -14.14 12.93 -10.68
C PRO B 55 -13.92 12.50 -9.22
N VAL B 56 -13.06 11.50 -9.06
CA VAL B 56 -12.69 10.93 -7.77
C VAL B 56 -11.16 10.86 -7.76
N LYS B 57 -10.54 11.31 -6.66
CA LYS B 57 -9.13 11.07 -6.45
C LYS B 57 -9.02 9.84 -5.56
N ALA B 58 -8.47 8.77 -6.12
CA ALA B 58 -8.38 7.48 -5.40
C ALA B 58 -6.99 7.25 -4.79
N PHE B 59 -7.01 6.97 -3.48
CA PHE B 59 -5.84 6.54 -2.68
C PHE B 59 -5.56 5.11 -2.99
N VAL B 60 -4.33 4.85 -3.40
CA VAL B 60 -3.88 3.52 -3.82
C VAL B 60 -3.10 2.81 -2.69
N ASP B 61 -3.73 1.78 -2.13
CA ASP B 61 -3.28 1.15 -0.92
C ASP B 61 -3.12 -0.36 -1.04
N SER B 62 -1.93 -0.80 -1.41
CA SER B 62 -1.67 -2.26 -1.54
C SER B 62 -1.81 -3.05 -0.24
N GLY B 63 -1.82 -2.35 0.89
CA GLY B 63 -1.99 -2.99 2.16
C GLY B 63 -3.44 -3.05 2.62
N ALA B 64 -4.39 -2.52 1.83
CA ALA B 64 -5.81 -2.50 2.18
C ALA B 64 -6.41 -3.68 1.49
N GLN B 65 -7.09 -4.50 2.26
CA GLN B 65 -7.67 -5.71 1.70
C GLN B 65 -8.88 -5.39 0.78
N MET B 66 -9.66 -4.36 1.16
CA MET B 66 -10.86 -3.99 0.39
CA MET B 66 -10.90 -4.00 0.45
C MET B 66 -10.94 -2.53 -0.02
N THR B 67 -11.49 -2.38 -1.22
CA THR B 67 -11.71 -1.10 -1.85
C THR B 67 -12.91 -0.47 -1.18
N ILE B 68 -12.74 0.78 -0.82
CA ILE B 68 -13.78 1.47 -0.05
C ILE B 68 -14.03 2.83 -0.59
N MET B 69 -15.30 3.14 -0.76
CA MET B 69 -15.77 4.49 -1.05
C MET B 69 -16.57 5.08 0.11
N SER B 70 -16.31 6.33 0.38
CA SER B 70 -17.11 7.02 1.39
C SER B 70 -18.57 7.18 0.94
N GLN B 71 -19.49 7.15 1.91
CA GLN B 71 -20.90 7.47 1.62
C GLN B 71 -21.09 8.82 0.95
N ALA B 72 -20.40 9.87 1.40
CA ALA B 72 -20.48 11.20 0.73
C ALA B 72 -20.15 11.09 -0.76
N CYS B 73 -19.06 10.38 -1.07
CA CYS B 73 -18.62 10.17 -2.45
C CYS B 73 -19.63 9.34 -3.27
N ALA B 74 -20.17 8.28 -2.64
CA ALA B 74 -21.16 7.46 -3.30
C ALA B 74 -22.32 8.35 -3.64
N GLU B 75 -22.75 9.17 -2.68
CA GLU B 75 -23.81 10.18 -2.95
C GLU B 75 -23.46 11.15 -4.10
N ARG B 76 -22.30 11.79 -4.01
CA ARG B 76 -21.81 12.73 -5.02
C ARG B 76 -21.78 12.09 -6.40
N CYS B 77 -21.46 10.79 -6.46
CA CYS B 77 -21.30 10.10 -7.76
C CYS B 77 -22.62 9.56 -8.30
N ASN B 78 -23.70 9.78 -7.53
CA ASN B 78 -25.04 9.27 -7.80
CA ASN B 78 -25.04 9.29 -7.84
C ASN B 78 -25.08 7.77 -8.06
N ILE B 79 -24.49 7.01 -7.14
CA ILE B 79 -24.50 5.54 -7.23
C ILE B 79 -25.06 4.87 -5.95
N MET B 80 -25.74 5.62 -5.09
CA MET B 80 -26.44 5.03 -3.90
C MET B 80 -27.44 3.93 -4.30
N ARG B 81 -28.03 4.10 -5.46
CA ARG B 81 -28.90 3.07 -6.04
C ARG B 81 -28.21 1.73 -6.12
N LEU B 82 -26.88 1.72 -6.22
CA LEU B 82 -26.12 0.48 -6.40
C LEU B 82 -25.60 -0.10 -5.07
N VAL B 83 -25.90 0.58 -3.96
CA VAL B 83 -25.37 0.19 -2.67
C VAL B 83 -26.31 -0.82 -2.04
N ASP B 84 -25.89 -2.09 -2.06
CA ASP B 84 -26.56 -3.16 -1.35
C ASP B 84 -26.33 -3.06 0.16
N ARG B 85 -27.37 -2.59 0.86
CA ARG B 85 -27.31 -2.35 2.30
C ARG B 85 -27.38 -3.59 3.21
N ARG B 86 -27.65 -4.76 2.63
CA ARG B 86 -27.61 -6.04 3.38
C ARG B 86 -26.21 -6.42 3.88
N TRP B 87 -25.18 -5.82 3.27
CA TRP B 87 -23.79 -5.91 3.72
C TRP B 87 -23.64 -4.81 4.72
N ALA B 88 -22.48 -4.61 5.31
CA ALA B 88 -22.48 -3.63 6.38
C ALA B 88 -22.08 -4.28 7.67
N ILE B 99 -19.71 0.40 8.04
CA ILE B 99 -19.92 -0.06 6.68
C ILE B 99 -21.40 -0.08 6.34
N ILE B 100 -21.80 0.81 5.43
CA ILE B 100 -23.20 1.05 5.08
C ILE B 100 -23.75 0.05 4.07
N GLY B 101 -22.89 -0.55 3.28
CA GLY B 101 -23.34 -1.47 2.26
C GLY B 101 -22.23 -1.77 1.30
N ARG B 102 -22.62 -2.47 0.23
CA ARG B 102 -21.71 -2.92 -0.80
C ARG B 102 -22.23 -2.69 -2.23
N VAL B 103 -21.32 -2.19 -3.08
CA VAL B 103 -21.58 -2.01 -4.51
C VAL B 103 -20.95 -3.19 -5.22
N HIS B 104 -21.77 -4.06 -5.78
CA HIS B 104 -21.27 -5.33 -6.28
C HIS B 104 -20.54 -5.17 -7.58
N LEU B 105 -20.96 -4.21 -8.40
CA LEU B 105 -20.43 -4.06 -9.75
C LEU B 105 -20.75 -2.65 -10.18
N ALA B 106 -19.71 -1.84 -10.30
CA ALA B 106 -19.85 -0.51 -10.88
C ALA B 106 -18.61 -0.27 -11.74
N GLN B 107 -18.76 0.41 -12.87
CA GLN B 107 -17.61 0.84 -13.68
C GLN B 107 -16.86 1.98 -13.01
N VAL B 108 -15.55 1.83 -12.88
CA VAL B 108 -14.68 2.92 -12.40
C VAL B 108 -13.81 3.25 -13.59
N GLN B 109 -13.78 4.53 -13.96
CA GLN B 109 -13.11 4.94 -15.17
C GLN B 109 -11.74 5.49 -14.81
N ILE B 110 -10.72 4.94 -15.47
CA ILE B 110 -9.36 5.40 -15.33
C ILE B 110 -8.88 5.66 -16.74
N GLU B 111 -8.46 6.88 -17.01
CA GLU B 111 -8.11 7.29 -18.36
C GLU B 111 -9.30 6.96 -19.29
N GLY B 112 -9.07 6.19 -20.34
CA GLY B 112 -10.13 5.80 -21.26
C GLY B 112 -10.85 4.48 -20.94
N ASP B 113 -10.48 3.81 -19.84
CA ASP B 113 -11.02 2.48 -19.55
C ASP B 113 -12.15 2.53 -18.52
N PHE B 114 -13.17 1.70 -18.70
CA PHE B 114 -14.19 1.45 -17.68
C PHE B 114 -13.95 0.08 -17.11
N LEU B 115 -13.55 0.06 -15.85
CA LEU B 115 -13.15 -1.16 -15.16
C LEU B 115 -14.26 -1.57 -14.20
N PRO B 116 -14.74 -2.78 -14.33
CA PRO B 116 -15.72 -3.24 -13.32
C PRO B 116 -15.06 -3.44 -11.95
N CYS B 117 -15.56 -2.74 -10.94
CA CYS B 117 -15.07 -2.86 -9.58
C CYS B 117 -16.19 -3.22 -8.64
N SER B 118 -15.80 -3.68 -7.48
CA SER B 118 -16.75 -3.97 -6.40
C SER B 118 -16.11 -3.32 -5.21
N PHE B 119 -16.92 -2.66 -4.39
CA PHE B 119 -16.39 -1.97 -3.23
C PHE B 119 -17.47 -1.74 -2.20
N SER B 120 -17.04 -1.55 -0.96
CA SER B 120 -17.96 -1.30 0.14
C SER B 120 -18.00 0.17 0.38
N ILE B 121 -19.00 0.60 1.15
CA ILE B 121 -19.28 2.00 1.41
C ILE B 121 -19.15 2.27 2.90
N LEU B 122 -18.32 3.22 3.26
CA LEU B 122 -18.02 3.48 4.65
C LEU B 122 -18.77 4.76 5.04
N GLU B 123 -19.48 4.74 6.17
CA GLU B 123 -20.30 5.90 6.53
C GLU B 123 -19.51 7.20 6.55
N GLU B 124 -18.36 7.24 7.22
CA GLU B 124 -17.39 8.33 7.00
CA GLU B 124 -17.41 8.32 7.04
C GLU B 124 -16.02 7.78 6.72
N GLN B 125 -15.52 8.13 5.56
CA GLN B 125 -14.16 7.90 5.28
C GLN B 125 -13.73 9.33 5.03
N PRO B 126 -12.56 9.73 5.56
CA PRO B 126 -12.15 11.06 5.12
C PRO B 126 -12.13 11.03 3.58
N MET B 127 -11.35 10.12 3.03
CA MET B 127 -11.11 10.14 1.63
C MET B 127 -12.31 9.50 0.93
N ASP B 128 -12.58 10.06 -0.23
CA ASP B 128 -13.63 9.59 -1.10
C ASP B 128 -13.48 8.13 -1.47
N MET B 129 -12.25 7.72 -1.80
CA MET B 129 -12.03 6.38 -2.31
CA MET B 129 -12.04 6.38 -2.30
C MET B 129 -10.65 5.81 -2.01
N LEU B 130 -10.66 4.57 -1.56
CA LEU B 130 -9.42 3.81 -1.24
C LEU B 130 -9.46 2.64 -2.21
N LEU B 131 -8.48 2.60 -3.11
CA LEU B 131 -8.36 1.53 -4.06
C LEU B 131 -7.44 0.49 -3.38
N GLY B 132 -8.07 -0.64 -2.99
CA GLY B 132 -7.39 -1.72 -2.32
C GLY B 132 -6.85 -2.85 -3.17
N LEU B 133 -6.22 -3.77 -2.47
CA LEU B 133 -5.58 -4.92 -3.15
C LEU B 133 -6.52 -5.80 -3.96
N ASP B 134 -7.74 -5.95 -3.49
CA ASP B 134 -8.80 -6.68 -4.24
C ASP B 134 -8.94 -6.17 -5.69
N MET B 135 -9.11 -4.87 -5.84
CA MET B 135 -9.27 -4.28 -7.18
C MET B 135 -7.93 -4.15 -7.90
N LEU B 136 -6.87 -3.78 -7.19
CA LEU B 136 -5.56 -3.78 -7.85
C LEU B 136 -5.27 -5.18 -8.40
N LYS B 137 -5.63 -6.23 -7.66
CA LYS B 137 -5.39 -7.60 -8.16
C LYS B 137 -6.35 -7.94 -9.27
N ARG B 138 -7.63 -7.70 -9.12
CA ARG B 138 -8.56 -7.99 -10.22
C ARG B 138 -8.14 -7.40 -11.56
N HIS B 139 -7.65 -6.17 -11.56
CA HIS B 139 -7.22 -5.53 -12.80
C HIS B 139 -5.78 -5.65 -13.08
N GLN B 140 -5.11 -6.58 -12.37
CA GLN B 140 -3.72 -6.97 -12.57
C GLN B 140 -2.81 -5.78 -12.74
N CYS B 141 -2.96 -4.85 -11.82
CA CYS B 141 -2.31 -3.55 -11.93
C CYS B 141 -0.87 -3.65 -11.51
N SER B 142 -0.05 -2.70 -11.97
CA SER B 142 1.27 -2.44 -11.37
C SER B 142 1.36 -1.03 -10.81
N ILE B 143 1.88 -0.97 -9.58
CA ILE B 143 2.20 0.28 -8.94
C ILE B 143 3.68 0.51 -9.19
N ASP B 144 3.93 1.26 -10.25
CA ASP B 144 5.27 1.54 -10.74
C ASP B 144 5.74 2.87 -10.21
N LEU B 145 6.54 2.80 -9.16
CA LEU B 145 7.03 3.99 -8.53
C LEU B 145 8.27 4.56 -9.22
N LYS B 146 8.90 3.82 -10.15
CA LYS B 146 9.96 4.39 -11.02
C LYS B 146 9.32 5.32 -12.03
N LYS B 147 8.31 4.84 -12.73
CA LYS B 147 7.59 5.65 -13.71
C LYS B 147 6.54 6.56 -13.08
N ASN B 148 6.19 6.30 -11.82
CA ASN B 148 5.16 7.05 -11.11
C ASN B 148 3.79 6.89 -11.79
N VAL B 149 3.46 5.66 -12.17
CA VAL B 149 2.16 5.40 -12.82
C VAL B 149 1.54 4.16 -12.21
N LEU B 150 0.21 4.10 -12.27
CA LEU B 150 -0.54 2.87 -12.03
C LEU B 150 -0.80 2.28 -13.39
N VAL B 151 -0.27 1.10 -13.63
CA VAL B 151 -0.57 0.36 -14.83
C VAL B 151 -1.81 -0.51 -14.61
N ILE B 152 -2.72 -0.43 -15.56
CA ILE B 152 -3.92 -1.29 -15.58
C ILE B 152 -3.60 -2.53 -16.38
N GLY B 153 -3.41 -3.66 -15.71
CA GLY B 153 -2.93 -4.82 -16.44
C GLY B 153 -3.92 -5.41 -17.43
N THR B 154 -5.21 -5.28 -17.17
CA THR B 154 -6.22 -5.89 -18.06
C THR B 154 -6.32 -5.13 -19.39
N THR B 155 -5.82 -3.89 -19.46
CA THR B 155 -5.93 -3.07 -20.70
C THR B 155 -4.61 -2.51 -21.27
N GLY B 156 -3.54 -2.55 -20.50
CA GLY B 156 -2.32 -1.82 -20.86
C GLY B 156 -2.33 -0.32 -20.63
N SER B 157 -3.43 0.26 -20.18
CA SER B 157 -3.44 1.69 -19.91
C SER B 157 -2.58 2.02 -18.66
N GLN B 158 -2.34 3.30 -18.47
CA GLN B 158 -1.62 3.76 -17.29
C GLN B 158 -2.04 5.17 -16.99
N THR B 159 -1.93 5.54 -15.72
CA THR B 159 -2.35 6.83 -15.26
C THR B 159 -1.32 7.27 -14.25
N THR B 160 -1.03 8.56 -14.20
CA THR B 160 -0.03 9.07 -13.30
C THR B 160 -0.55 9.21 -11.89
N PHE B 161 0.32 8.89 -10.94
CA PHE B 161 0.10 9.32 -9.55
C PHE B 161 0.16 10.82 -9.48
N LEU B 162 -0.68 11.38 -8.63
CA LEU B 162 -0.91 12.80 -8.59
C LEU B 162 0.23 13.50 -7.85
N PRO B 163 0.65 14.69 -8.33
CA PRO B 163 1.68 15.42 -7.54
C PRO B 163 1.13 15.92 -6.20
N GLU B 164 2.01 16.37 -5.33
CA GLU B 164 1.64 16.81 -4.00
C GLU B 164 0.58 17.92 -4.02
N GLY B 165 0.81 18.94 -4.83
CA GLY B 165 -0.14 20.03 -5.01
C GLY B 165 -1.52 19.60 -5.47
N GLU B 166 -1.67 18.38 -5.99
CA GLU B 166 -2.95 17.95 -6.58
C GLU B 166 -3.72 16.94 -5.72
N LEU B 167 -3.30 16.78 -4.47
CA LEU B 167 -3.84 15.77 -3.57
C LEU B 167 -5.03 16.37 -2.84
N PRO B 168 -5.99 15.53 -2.41
CA PRO B 168 -7.15 16.03 -1.64
C PRO B 168 -6.78 16.56 -0.22
N GLU B 169 -7.78 17.13 0.47
CA GLU B 169 -7.64 17.68 1.85
C GLU B 169 -6.83 18.98 1.87
CL CL C . 15.92 8.56 9.46
CL CL D . -18.93 15.74 -8.94
#